data_4OQE
#
_entry.id   4OQE
#
_cell.length_a   39.885
_cell.length_b   92.938
_cell.length_c   77.879
_cell.angle_alpha   90.00
_cell.angle_beta   97.29
_cell.angle_gamma   90.00
#
_symmetry.space_group_name_H-M   'P 1 21 1'
#
loop_
_entity.id
_entity.type
_entity.pdbx_description
1 polymer 'dTDP-3-amino-3,6-dideoxy-alpha-D-glucopyranose N,N-dimethyltransferase'
2 non-polymer S-ADENOSYL-L-HOMOCYSTEINE
3 non-polymer dTDP-3-N-methylamino-3,6-dideoxygalactose
4 water water
#
_entity_poly.entity_id   1
_entity_poly.type   'polypeptide(L)'
_entity_poly.pdbx_seq_one_letter_code
;MAHSSATAGPQADYSGEIAELYDLVHQGKGKDYHREAADLAALVRRHSPKAASLLDVACGTGMHLRHLADSFGTVEGLEL
SADMLAIARRRNPDAVLHHGDMRDFSLGRRFSAVTCMFSSIGHLAGQAELDAALERFAAHVLPDGVVVVEPWWFPENFTP
GYVAAGTVEAGGTTVTRVSHSSREGEATRIEVHYLVAGPDRGITHHEESHRITLFTREQYERAFTAAGLSVEFMPGGPSG
RGLFTGLPGAKGETRLEHHHHHH
;
_entity_poly.pdbx_strand_id   A,B
#
# COMPACT_ATOMS: atom_id res chain seq x y z
N GLN A 11 14.52 -0.46 -11.15
CA GLN A 11 15.20 0.65 -11.88
C GLN A 11 15.91 1.60 -10.91
N ALA A 12 16.61 2.59 -11.46
CA ALA A 12 17.30 3.64 -10.70
C ALA A 12 17.43 4.92 -11.53
N ASP A 13 16.41 5.19 -12.34
CA ASP A 13 16.51 6.14 -13.43
C ASP A 13 15.20 6.92 -13.71
N TYR A 14 14.32 6.98 -12.72
CA TYR A 14 13.14 7.87 -12.79
C TYR A 14 12.39 7.85 -14.16
N SER A 15 11.77 6.72 -14.46
CA SER A 15 11.29 6.47 -15.80
C SER A 15 10.06 5.60 -15.86
N GLY A 16 9.41 5.61 -17.01
CA GLY A 16 8.23 4.80 -17.22
C GLY A 16 7.14 5.14 -16.23
N GLU A 17 6.66 4.12 -15.53
CA GLU A 17 5.55 4.28 -14.63
C GLU A 17 5.95 5.00 -13.37
N ILE A 18 7.21 4.83 -12.97
CA ILE A 18 7.73 5.59 -11.82
C ILE A 18 7.58 7.07 -12.06
N ALA A 19 8.03 7.52 -13.23
CA ALA A 19 7.91 8.93 -13.52
C ALA A 19 6.43 9.34 -13.49
N GLU A 20 5.58 8.56 -14.16
CA GLU A 20 4.16 8.94 -14.28
C GLU A 20 3.53 9.00 -12.91
N LEU A 21 3.97 8.11 -12.02
CA LEU A 21 3.52 8.08 -10.63
C LEU A 21 4.04 9.18 -9.70
N TYR A 22 5.24 9.69 -9.95
CA TYR A 22 5.92 10.57 -8.99
C TYR A 22 5.02 11.70 -8.43
N ASP A 23 4.33 12.39 -9.31
CA ASP A 23 3.55 13.56 -8.88
C ASP A 23 2.49 13.21 -7.84
N LEU A 24 1.81 12.11 -8.09
CA LEU A 24 0.69 11.71 -7.25
C LEU A 24 1.21 11.21 -5.89
N VAL A 25 2.15 10.29 -5.96
CA VAL A 25 2.89 9.84 -4.79
C VAL A 25 3.23 10.96 -3.78
N HIS A 26 3.74 12.07 -4.26
CA HIS A 26 4.26 13.12 -3.36
C HIS A 26 3.19 14.12 -2.93
N GLN A 27 2.12 14.19 -3.68
CA GLN A 27 0.85 14.80 -3.26
C GLN A 27 0.33 14.03 -2.03
N GLY A 28 0.10 12.74 -2.22
CA GLY A 28 -0.17 11.82 -1.12
C GLY A 28 0.74 12.03 0.07
N LYS A 29 2.02 12.28 -0.14
CA LYS A 29 2.91 12.51 1.01
C LYS A 29 2.75 13.87 1.65
N GLY A 30 1.92 14.75 1.11
CA GLY A 30 1.76 16.09 1.66
C GLY A 30 2.77 17.15 1.23
N LYS A 31 3.66 16.78 0.29
CA LYS A 31 4.69 17.70 -0.22
C LYS A 31 4.04 18.90 -0.95
N ASP A 32 4.46 20.10 -0.62
CA ASP A 32 3.68 21.33 -0.93
C ASP A 32 4.54 22.28 -1.73
N TYR A 33 4.62 22.03 -3.03
CA TYR A 33 5.52 22.73 -3.91
C TYR A 33 5.14 24.22 -3.99
N HIS A 34 3.90 24.54 -3.74
CA HIS A 34 3.48 25.96 -3.66
C HIS A 34 4.22 26.69 -2.51
N ARG A 35 4.07 26.15 -1.31
CA ARG A 35 4.79 26.60 -0.13
C ARG A 35 6.30 26.65 -0.34
N GLU A 36 6.87 25.52 -0.82
CA GLU A 36 8.31 25.43 -1.08
C GLU A 36 8.72 26.42 -2.13
N ALA A 37 8.00 26.47 -3.25
CA ALA A 37 8.33 27.47 -4.27
C ALA A 37 8.28 28.92 -3.70
N ALA A 38 7.26 29.17 -2.88
CA ALA A 38 7.07 30.52 -2.28
C ALA A 38 8.19 30.80 -1.36
N ASP A 39 8.53 29.81 -0.52
CA ASP A 39 9.67 30.03 0.40
C ASP A 39 10.99 30.27 -0.32
N LEU A 40 11.20 29.48 -1.37
CA LEU A 40 12.37 29.58 -2.22
C LEU A 40 12.45 30.93 -2.96
N ALA A 41 11.38 31.31 -3.64
CA ALA A 41 11.31 32.65 -4.21
C ALA A 41 11.78 33.73 -3.20
N ALA A 42 11.30 33.61 -1.98
CA ALA A 42 11.60 34.60 -0.93
C ALA A 42 13.04 34.47 -0.57
N LEU A 43 13.53 33.23 -0.51
CA LEU A 43 14.89 33.03 -0.10
C LEU A 43 15.77 33.78 -1.12
N VAL A 44 15.37 33.77 -2.37
CA VAL A 44 16.23 34.26 -3.45
C VAL A 44 16.25 35.76 -3.50
N ARG A 45 15.05 36.35 -3.37
CA ARG A 45 14.88 37.82 -3.29
C ARG A 45 15.61 38.42 -2.08
N ARG A 46 15.80 37.62 -1.03
CA ARG A 46 16.62 38.03 0.12
CA ARG A 46 16.63 38.07 0.10
C ARG A 46 18.05 38.32 -0.37
N HIS A 47 18.55 37.48 -1.26
CA HIS A 47 19.94 37.65 -1.77
C HIS A 47 19.98 38.43 -3.08
N SER A 48 19.07 38.16 -4.03
CA SER A 48 19.02 38.89 -5.30
C SER A 48 17.67 39.64 -5.49
N PRO A 49 17.48 40.73 -4.73
CA PRO A 49 16.25 41.55 -4.75
C PRO A 49 15.60 41.77 -6.11
N ALA A 51 13.29 39.27 -8.61
CA ALA A 51 14.48 39.13 -9.48
C ALA A 51 14.24 38.39 -10.80
N ALA A 52 15.27 38.40 -11.63
CA ALA A 52 15.02 38.24 -13.04
C ALA A 52 14.86 36.79 -13.48
N SER A 53 15.71 35.90 -12.94
CA SER A 53 15.77 34.59 -13.59
C SER A 53 16.15 33.48 -12.63
N LEU A 54 15.56 32.31 -12.84
CA LEU A 54 15.95 31.15 -12.03
C LEU A 54 16.19 29.89 -12.92
N LEU A 55 17.19 29.07 -12.57
CA LEU A 55 17.42 27.70 -13.19
C LEU A 55 17.19 26.65 -12.11
N ASP A 56 16.14 25.84 -12.21
CA ASP A 56 15.99 24.64 -11.38
C ASP A 56 16.64 23.43 -12.01
N VAL A 57 17.68 22.91 -11.35
CA VAL A 57 18.46 21.77 -11.83
C VAL A 57 17.98 20.44 -11.25
N ALA A 58 17.52 19.55 -12.11
CA ALA A 58 16.95 18.27 -11.66
C ALA A 58 15.54 18.57 -11.21
N CYS A 59 14.94 19.36 -12.05
CA CYS A 59 13.66 19.94 -11.85
C CYS A 59 12.61 18.85 -11.90
N GLY A 60 13.03 17.62 -12.25
CA GLY A 60 12.15 16.49 -12.30
C GLY A 60 10.93 16.74 -13.17
N THR A 61 9.75 16.55 -12.57
CA THR A 61 8.45 16.78 -13.21
C THR A 61 7.98 18.26 -13.25
N GLY A 62 8.82 19.20 -12.82
CA GLY A 62 8.56 20.61 -13.08
C GLY A 62 7.58 21.27 -12.13
N MET A 63 7.48 20.71 -10.94
CA MET A 63 6.48 21.15 -9.97
C MET A 63 6.91 22.46 -9.35
N HIS A 64 8.16 22.56 -8.91
CA HIS A 64 8.63 23.82 -8.36
C HIS A 64 8.52 24.94 -9.43
N LEU A 65 9.05 24.64 -10.61
CA LEU A 65 9.00 25.57 -11.77
C LEU A 65 7.62 26.18 -12.03
N ARG A 66 6.62 25.32 -12.03
CA ARG A 66 5.25 25.76 -12.21
C ARG A 66 4.87 26.91 -11.26
N HIS A 67 5.31 26.88 -10.02
CA HIS A 67 4.90 27.89 -9.03
C HIS A 67 5.83 29.05 -9.05
N LEU A 68 7.03 28.79 -9.52
CA LEU A 68 8.07 29.81 -9.56
C LEU A 68 7.90 30.74 -10.77
N ALA A 69 7.16 30.30 -11.77
CA ALA A 69 7.10 31.02 -13.03
C ALA A 69 6.45 32.37 -12.82
N ASP A 70 5.52 32.48 -11.87
CA ASP A 70 4.91 33.79 -11.60
C ASP A 70 5.80 34.69 -10.76
N SER A 71 6.93 34.17 -10.31
CA SER A 71 7.76 34.89 -9.40
C SER A 71 9.04 35.53 -10.00
N PHE A 72 9.36 35.21 -11.25
CA PHE A 72 10.60 35.68 -11.86
C PHE A 72 10.39 35.98 -13.31
N GLY A 73 11.07 37.00 -13.83
CA GLY A 73 11.06 37.18 -15.29
C GLY A 73 11.19 35.86 -16.06
N THR A 74 12.21 35.08 -15.79
CA THR A 74 12.48 33.82 -16.57
C THR A 74 12.84 32.61 -15.69
N VAL A 75 12.31 31.43 -16.01
CA VAL A 75 12.67 30.22 -15.27
C VAL A 75 13.05 29.09 -16.23
N GLU A 76 14.13 28.36 -15.95
CA GLU A 76 14.49 27.24 -16.87
C GLU A 76 14.83 26.06 -16.05
N GLY A 77 14.81 24.89 -16.70
CA GLY A 77 15.05 23.66 -16.01
C GLY A 77 16.17 22.90 -16.67
N LEU A 78 16.74 21.96 -15.90
CA LEU A 78 17.73 20.98 -16.35
C LEU A 78 17.40 19.68 -15.67
N GLU A 79 17.16 18.65 -16.47
CA GLU A 79 16.78 17.32 -15.99
C GLU A 79 17.54 16.27 -16.80
N LEU A 80 17.88 15.15 -16.17
CA LEU A 80 18.58 14.04 -16.82
C LEU A 80 17.64 13.00 -17.42
N SER A 81 16.59 12.65 -16.68
CA SER A 81 15.58 11.70 -17.17
C SER A 81 14.75 12.32 -18.26
N ALA A 82 14.49 11.55 -19.32
CA ALA A 82 13.72 12.00 -20.45
C ALA A 82 12.22 11.93 -20.14
N ASP A 83 11.82 10.85 -19.48
CA ASP A 83 10.42 10.64 -19.07
C ASP A 83 9.95 11.61 -17.96
N MET A 84 10.86 12.03 -17.09
CA MET A 84 10.55 12.98 -16.04
C MET A 84 10.36 14.32 -16.74
N LEU A 85 11.30 14.61 -17.64
CA LEU A 85 11.31 15.84 -18.44
C LEU A 85 10.08 16.09 -19.34
N ALA A 86 9.59 15.05 -19.99
CA ALA A 86 8.34 15.13 -20.74
C ALA A 86 7.20 15.74 -19.91
N ILE A 87 7.07 15.25 -18.67
CA ILE A 87 6.05 15.67 -17.76
C ILE A 87 6.22 17.14 -17.38
N ALA A 88 7.45 17.50 -17.05
CA ALA A 88 7.80 18.91 -16.89
C ALA A 88 7.40 19.79 -18.08
N ARG A 89 7.76 19.39 -19.33
CA ARG A 89 7.38 20.16 -20.55
C ARG A 89 5.88 20.30 -20.73
N ARG A 90 5.12 19.26 -20.41
CA ARG A 90 3.67 19.37 -20.44
C ARG A 90 3.13 20.25 -19.33
N ARG A 91 3.78 20.30 -18.19
CA ARG A 91 3.32 21.14 -17.11
C ARG A 91 3.72 22.58 -17.35
N ASN A 92 4.81 22.76 -18.08
CA ASN A 92 5.39 24.06 -18.37
C ASN A 92 5.67 24.25 -19.87
N PRO A 93 4.62 24.30 -20.70
CA PRO A 93 4.83 24.33 -22.15
C PRO A 93 5.64 25.55 -22.66
N ASP A 94 5.56 26.69 -21.96
CA ASP A 94 6.20 27.93 -22.37
C ASP A 94 7.61 28.14 -21.82
N ALA A 95 8.12 27.19 -21.04
CA ALA A 95 9.44 27.33 -20.42
C ALA A 95 10.45 26.45 -21.13
N VAL A 96 11.70 26.91 -21.08
CA VAL A 96 12.75 26.22 -21.74
C VAL A 96 13.37 25.23 -20.77
N LEU A 97 13.32 23.96 -21.14
CA LEU A 97 13.72 22.89 -20.26
C LEU A 97 14.77 22.06 -20.94
N HIS A 98 15.93 21.88 -20.29
CA HIS A 98 17.09 21.29 -20.95
C HIS A 98 17.31 19.86 -20.53
N HIS A 99 17.63 18.98 -21.47
CA HIS A 99 18.07 17.61 -21.17
C HIS A 99 19.55 17.73 -20.92
N GLY A 100 20.06 17.08 -19.89
CA GLY A 100 21.39 17.39 -19.45
C GLY A 100 21.68 16.93 -18.04
N ASP A 101 22.94 17.12 -17.64
CA ASP A 101 23.56 16.40 -16.54
C ASP A 101 24.21 17.48 -15.68
N MET A 102 23.78 17.56 -14.42
CA MET A 102 24.19 18.69 -13.56
C MET A 102 25.70 18.74 -13.39
N ARG A 103 26.37 17.61 -13.64
CA ARG A 103 27.84 17.51 -13.56
C ARG A 103 28.65 18.12 -14.73
N ASP A 104 28.00 18.29 -15.87
CA ASP A 104 28.67 18.60 -17.10
C ASP A 104 27.67 19.28 -18.00
N PHE A 105 27.52 20.59 -17.92
CA PHE A 105 26.51 21.25 -18.76
C PHE A 105 26.82 22.73 -18.90
N SER A 106 26.58 23.25 -20.08
CA SER A 106 26.71 24.67 -20.32
C SER A 106 25.49 25.09 -21.09
N LEU A 107 25.02 26.27 -20.76
CA LEU A 107 23.85 26.83 -21.37
C LEU A 107 24.24 28.17 -21.95
N GLY A 108 25.41 28.68 -21.56
CA GLY A 108 25.88 29.96 -22.02
C GLY A 108 25.09 31.17 -21.53
N ARG A 109 24.35 31.01 -20.42
CA ARG A 109 23.71 32.16 -19.76
C ARG A 109 23.78 31.98 -18.28
N ARG A 110 23.53 33.06 -17.57
CA ARG A 110 23.55 33.00 -16.15
C ARG A 110 22.16 33.34 -15.67
N PHE A 111 21.90 33.08 -14.40
CA PHE A 111 20.61 33.26 -13.78
C PHE A 111 20.83 33.80 -12.41
N SER A 112 19.81 34.46 -11.88
CA SER A 112 19.86 35.06 -10.55
C SER A 112 19.93 34.01 -9.49
N ALA A 113 19.18 32.93 -9.69
CA ALA A 113 19.18 31.83 -8.76
C ALA A 113 19.40 30.56 -9.51
N VAL A 114 20.20 29.67 -8.94
CA VAL A 114 20.31 28.30 -9.45
C VAL A 114 19.94 27.37 -8.32
N THR A 115 18.89 26.58 -8.49
CA THR A 115 18.40 25.82 -7.37
C THR A 115 18.46 24.31 -7.63
N CYS A 116 18.68 23.53 -6.59
CA CYS A 116 18.69 22.07 -6.71
C CYS A 116 18.06 21.42 -5.47
N MET A 117 16.82 20.99 -5.64
CA MET A 117 15.89 20.61 -4.57
C MET A 117 15.67 19.11 -4.31
N PHE A 118 15.13 18.85 -3.11
CA PHE A 118 14.67 17.52 -2.73
C PHE A 118 15.75 16.40 -2.80
N SER A 119 16.97 16.77 -2.40
CA SER A 119 18.06 15.86 -2.23
C SER A 119 18.52 15.25 -3.55
N SER A 120 18.29 15.94 -4.65
CA SER A 120 18.74 15.47 -5.96
C SER A 120 20.25 15.37 -6.00
N ILE A 121 20.90 16.23 -5.24
CA ILE A 121 22.34 16.22 -5.20
C ILE A 121 22.93 14.87 -4.74
N GLY A 122 22.18 14.12 -3.94
CA GLY A 122 22.66 12.83 -3.45
C GLY A 122 22.82 11.75 -4.49
N HIS A 123 22.26 12.00 -5.65
CA HIS A 123 22.47 11.13 -6.77
C HIS A 123 23.90 11.23 -7.26
N LEU A 124 24.61 12.28 -6.87
CA LEU A 124 26.04 12.37 -7.12
C LEU A 124 26.85 11.33 -6.33
N ALA A 125 27.91 10.86 -6.94
CA ALA A 125 28.60 9.65 -6.46
C ALA A 125 29.76 9.88 -5.45
N GLY A 126 30.38 11.04 -5.44
CA GLY A 126 31.47 11.33 -4.49
C GLY A 126 31.93 12.77 -4.58
N GLN A 127 32.96 13.14 -3.82
CA GLN A 127 33.42 14.53 -3.81
C GLN A 127 33.71 15.12 -5.20
N ALA A 128 34.37 14.36 -6.06
CA ALA A 128 34.70 14.86 -7.43
C ALA A 128 33.44 15.19 -8.25
N GLU A 129 32.42 14.34 -8.19
CA GLU A 129 31.14 14.70 -8.84
C GLU A 129 30.45 15.91 -8.15
N LEU A 130 30.55 16.02 -6.82
CA LEU A 130 29.87 17.10 -6.08
C LEU A 130 30.48 18.49 -6.43
N ASP A 131 31.75 18.68 -6.10
CA ASP A 131 32.59 19.76 -6.66
C ASP A 131 32.29 20.12 -8.11
N ALA A 132 32.16 19.12 -8.98
CA ALA A 132 31.89 19.41 -10.39
C ALA A 132 30.58 20.16 -10.61
N ALA A 133 29.48 19.64 -10.07
CA ALA A 133 28.16 20.28 -10.17
C ALA A 133 28.17 21.61 -9.49
N LEU A 134 28.85 21.73 -8.37
CA LEU A 134 28.93 23.06 -7.75
C LEU A 134 29.70 24.01 -8.67
N GLU A 135 30.80 23.56 -9.29
CA GLU A 135 31.51 24.44 -10.27
C GLU A 135 30.55 24.78 -11.40
N ARG A 136 29.76 23.81 -11.83
CA ARG A 136 28.76 24.11 -12.86
C ARG A 136 27.69 25.14 -12.37
N PHE A 137 27.31 25.10 -11.08
CA PHE A 137 26.26 26.01 -10.59
C PHE A 137 26.78 27.42 -10.47
N ALA A 138 27.88 27.60 -9.74
CA ALA A 138 28.65 28.84 -9.70
C ALA A 138 28.84 29.48 -11.06
N ALA A 139 29.13 28.68 -12.09
CA ALA A 139 29.31 29.19 -13.45
C ALA A 139 28.02 29.76 -14.02
N HIS A 140 26.86 29.29 -13.56
CA HIS A 140 25.61 29.73 -14.16
C HIS A 140 24.87 30.76 -13.35
N VAL A 141 25.54 31.30 -12.33
CA VAL A 141 24.88 32.23 -11.42
C VAL A 141 25.45 33.63 -11.59
N LEU A 142 24.57 34.63 -11.71
CA LEU A 142 24.98 36.05 -11.77
C LEU A 142 25.65 36.41 -10.49
N PRO A 143 26.51 37.46 -10.48
CA PRO A 143 27.36 37.67 -9.32
C PRO A 143 26.68 38.31 -8.12
N ASP A 144 25.45 38.75 -8.29
CA ASP A 144 24.68 39.22 -7.12
C ASP A 144 23.63 38.17 -6.84
N GLY A 145 23.81 37.01 -7.48
CA GLY A 145 22.83 35.96 -7.43
C GLY A 145 23.12 34.98 -6.31
N VAL A 146 22.44 33.83 -6.37
CA VAL A 146 22.51 32.81 -5.30
C VAL A 146 22.32 31.36 -5.78
N VAL A 147 23.07 30.44 -5.17
CA VAL A 147 22.95 29.01 -5.42
C VAL A 147 22.30 28.37 -4.21
N VAL A 148 21.23 27.64 -4.43
CA VAL A 148 20.50 26.98 -3.37
C VAL A 148 20.44 25.51 -3.62
N VAL A 149 20.99 24.73 -2.70
CA VAL A 149 20.97 23.27 -2.74
C VAL A 149 20.38 22.64 -1.48
N GLU A 150 19.35 21.82 -1.61
CA GLU A 150 18.83 21.07 -0.49
C GLU A 150 19.54 19.72 -0.47
N PRO A 151 20.30 19.44 0.59
CA PRO A 151 21.00 18.17 0.59
C PRO A 151 20.17 16.93 0.96
N TRP A 152 20.79 15.75 0.77
CA TRP A 152 20.36 14.60 1.52
C TRP A 152 20.81 14.83 2.97
N TRP A 153 20.20 14.04 3.85
CA TRP A 153 20.67 13.73 5.20
C TRP A 153 22.18 13.55 5.29
N PHE A 154 22.74 14.05 6.37
CA PHE A 154 24.15 13.80 6.65
C PHE A 154 24.19 12.43 7.35
N PRO A 155 25.36 11.81 7.44
CA PRO A 155 25.53 10.51 8.16
C PRO A 155 25.12 10.51 9.64
N GLU A 156 25.57 11.45 10.43
CA GLU A 156 25.04 11.56 11.78
C GLU A 156 23.50 11.46 11.82
N ASN A 157 22.76 12.06 10.87
CA ASN A 157 21.27 11.99 10.93
C ASN A 157 20.61 10.85 10.18
N PHE A 158 21.37 9.97 9.55
CA PHE A 158 20.71 8.89 8.81
C PHE A 158 20.11 7.88 9.80
N THR A 159 18.85 7.50 9.61
CA THR A 159 18.23 6.46 10.43
C THR A 159 18.04 5.17 9.65
N PRO A 160 18.98 4.20 9.80
CA PRO A 160 18.87 2.96 9.04
C PRO A 160 17.70 2.09 9.49
N GLY A 161 17.33 1.14 8.63
CA GLY A 161 16.13 0.34 8.82
C GLY A 161 14.79 1.06 8.67
N TYR A 162 14.80 2.31 8.20
CA TYR A 162 13.57 3.12 8.12
C TYR A 162 12.60 2.56 7.04
N VAL A 163 11.34 2.49 7.41
CA VAL A 163 10.25 1.96 6.60
C VAL A 163 9.22 3.07 6.55
N ALA A 164 8.80 3.41 5.32
CA ALA A 164 7.85 4.46 5.01
C ALA A 164 6.74 3.84 4.21
N ALA A 165 5.50 4.06 4.59
CA ALA A 165 4.37 3.41 3.92
C ALA A 165 3.25 4.38 3.76
N GLY A 166 2.83 4.60 2.51
CA GLY A 166 1.83 5.63 2.22
C GLY A 166 0.96 5.30 1.02
N THR A 167 -0.29 5.73 1.10
CA THR A 167 -1.28 5.41 0.11
C THR A 167 -2.05 6.68 -0.29
N VAL A 168 -2.32 6.80 -1.58
CA VAL A 168 -3.05 7.92 -2.11
C VAL A 168 -3.95 7.48 -3.27
N GLU A 169 -5.13 8.10 -3.31
CA GLU A 169 -6.12 7.87 -4.37
C GLU A 169 -6.38 9.18 -5.08
N ALA A 170 -6.53 9.11 -6.41
CA ALA A 170 -6.88 10.28 -7.25
C ALA A 170 -7.28 9.84 -8.64
N GLY A 171 -8.44 10.30 -9.09
CA GLY A 171 -8.94 9.95 -10.42
C GLY A 171 -9.28 8.47 -10.49
N GLY A 172 -9.97 7.97 -9.46
CA GLY A 172 -10.23 6.53 -9.30
C GLY A 172 -9.01 5.66 -8.92
N THR A 173 -7.80 6.13 -9.26
CA THR A 173 -6.55 5.39 -9.17
C THR A 173 -5.79 5.53 -7.82
N THR A 174 -5.63 4.39 -7.14
CA THR A 174 -4.95 4.26 -5.86
C THR A 174 -3.46 3.84 -6.05
N VAL A 175 -2.53 4.62 -5.46
CA VAL A 175 -1.10 4.19 -5.38
C VAL A 175 -0.60 4.04 -3.93
N THR A 176 0.02 2.89 -3.68
CA THR A 176 0.70 2.58 -2.45
C THR A 176 2.20 2.46 -2.73
N ARG A 177 2.97 3.09 -1.84
CA ARG A 177 4.42 3.09 -1.91
C ARG A 177 5.02 2.75 -0.54
N VAL A 178 5.91 1.75 -0.55
CA VAL A 178 6.72 1.43 0.62
C VAL A 178 8.21 1.50 0.30
N SER A 179 8.92 2.23 1.15
CA SER A 179 10.36 2.36 1.05
C SER A 179 11.04 1.74 2.28
N HIS A 180 12.17 1.11 2.02
CA HIS A 180 13.06 0.61 3.04
C HIS A 180 14.46 1.20 2.86
N SER A 181 14.99 1.78 3.91
CA SER A 181 16.32 2.38 3.87
C SER A 181 17.36 1.67 4.75
N SER A 182 18.48 1.32 4.12
CA SER A 182 19.60 0.73 4.84
C SER A 182 20.90 1.44 4.48
N ARG A 183 21.96 1.19 5.28
CA ARG A 183 23.29 1.74 5.06
C ARG A 183 24.06 0.96 4.00
N GLU A 184 24.83 1.64 3.16
CA GLU A 184 25.67 0.95 2.17
C GLU A 184 26.90 1.82 1.79
N GLY A 185 28.03 1.65 2.48
CA GLY A 185 29.19 2.54 2.33
C GLY A 185 28.81 3.90 2.90
N GLU A 186 29.14 5.00 2.21
CA GLU A 186 28.63 6.37 2.54
C GLU A 186 27.36 6.73 1.76
N ALA A 187 26.39 5.84 1.78
CA ALA A 187 25.20 6.05 1.00
C ALA A 187 24.07 5.38 1.70
N THR A 188 22.86 5.84 1.44
CA THR A 188 21.69 5.09 1.78
C THR A 188 21.35 4.29 0.53
N ARG A 189 21.01 3.03 0.72
CA ARG A 189 20.36 2.23 -0.28
C ARG A 189 18.88 2.19 0.10
N ILE A 190 18.05 2.96 -0.62
CA ILE A 190 16.62 2.98 -0.40
C ILE A 190 15.92 2.18 -1.50
N GLU A 191 15.15 1.19 -1.07
CA GLU A 191 14.56 0.22 -1.96
C GLU A 191 13.09 0.57 -1.90
N VAL A 192 12.43 0.67 -3.06
CA VAL A 192 11.04 1.14 -3.12
C VAL A 192 10.15 0.26 -3.96
N HIS A 193 9.00 -0.13 -3.38
CA HIS A 193 7.97 -0.89 -4.09
C HIS A 193 6.67 -0.11 -4.08
N TYR A 194 5.98 -0.27 -5.19
CA TYR A 194 4.69 0.34 -5.42
C TYR A 194 3.67 -0.73 -5.82
N LEU A 195 2.44 -0.54 -5.35
CA LEU A 195 1.28 -1.23 -5.93
C LEU A 195 0.36 -0.20 -6.50
N VAL A 196 -0.07 -0.43 -7.73
CA VAL A 196 -0.83 0.53 -8.49
C VAL A 196 -2.14 -0.10 -8.84
N ALA A 197 -3.24 0.59 -8.54
CA ALA A 197 -4.55 -0.01 -8.81
C ALA A 197 -5.59 0.99 -9.29
N GLY A 198 -6.32 0.60 -10.33
CA GLY A 198 -7.46 1.35 -10.78
C GLY A 198 -8.57 0.49 -11.35
N PRO A 199 -9.78 1.05 -11.37
CA PRO A 199 -10.95 0.27 -11.67
C PRO A 199 -10.83 -0.48 -12.98
N ASP A 200 -10.30 0.15 -14.03
CA ASP A 200 -10.12 -0.55 -15.32
C ASP A 200 -8.74 -1.19 -15.51
N ARG A 201 -7.66 -0.43 -15.30
CA ARG A 201 -6.30 -0.91 -15.54
C ARG A 201 -5.86 -2.16 -14.75
N GLY A 202 -6.49 -2.43 -13.61
CA GLY A 202 -6.11 -3.54 -12.76
C GLY A 202 -5.06 -3.13 -11.74
N ILE A 203 -4.41 -4.13 -11.13
CA ILE A 203 -3.24 -3.92 -10.23
C ILE A 203 -1.94 -4.31 -10.92
N THR A 204 -0.92 -3.46 -10.82
CA THR A 204 0.46 -3.81 -11.20
C THR A 204 1.47 -3.53 -10.07
N HIS A 205 2.57 -4.27 -10.11
CA HIS A 205 3.61 -4.18 -9.10
C HIS A 205 4.82 -3.45 -9.66
N HIS A 206 5.43 -2.55 -8.88
CA HIS A 206 6.70 -1.89 -9.31
C HIS A 206 7.74 -1.78 -8.21
N GLU A 207 8.98 -1.58 -8.66
CA GLU A 207 10.09 -1.41 -7.77
C GLU A 207 11.25 -0.68 -8.44
N GLU A 208 11.93 0.13 -7.61
CA GLU A 208 13.15 0.87 -7.92
C GLU A 208 14.07 0.75 -6.71
N SER A 209 15.38 0.86 -6.95
CA SER A 209 16.41 0.94 -5.89
C SER A 209 17.41 2.00 -6.26
N HIS A 210 17.78 2.83 -5.28
CA HIS A 210 18.62 3.98 -5.50
C HIS A 210 19.77 3.95 -4.50
N ARG A 211 20.89 4.55 -4.89
CA ARG A 211 21.96 4.83 -3.96
C ARG A 211 22.03 6.34 -3.81
N ILE A 212 21.76 6.82 -2.61
CA ILE A 212 21.76 8.29 -2.35
C ILE A 212 22.87 8.64 -1.36
N THR A 213 23.95 9.17 -1.93
CA THR A 213 25.19 9.41 -1.21
C THR A 213 24.99 10.25 0.03
N LEU A 214 25.65 9.82 1.11
CA LEU A 214 25.55 10.45 2.43
C LEU A 214 26.71 11.39 2.66
N PHE A 215 26.77 12.44 1.87
CA PHE A 215 27.76 13.51 2.02
C PHE A 215 27.64 14.15 3.40
N THR A 216 28.76 14.61 3.94
CA THR A 216 28.76 15.31 5.22
C THR A 216 28.52 16.81 5.01
N ARG A 217 28.12 17.48 6.08
CA ARG A 217 27.99 18.91 6.02
C ARG A 217 29.29 19.47 5.42
N GLU A 218 30.43 19.02 5.93
CA GLU A 218 31.70 19.62 5.53
C GLU A 218 32.07 19.29 4.09
N GLN A 219 31.60 18.17 3.54
CA GLN A 219 31.84 17.90 2.09
C GLN A 219 31.03 18.79 1.16
N TYR A 220 29.78 19.03 1.53
CA TYR A 220 28.97 19.99 0.77
C TYR A 220 29.65 21.33 0.75
N GLU A 221 30.12 21.77 1.92
CA GLU A 221 30.67 23.11 2.11
C GLU A 221 31.98 23.22 1.37
N ARG A 222 32.71 22.10 1.29
CA ARG A 222 33.98 22.04 0.56
C ARG A 222 33.72 22.47 -0.87
N ALA A 223 32.68 21.88 -1.42
CA ALA A 223 32.31 21.99 -2.82
C ALA A 223 31.84 23.40 -3.16
N PHE A 224 31.03 23.99 -2.27
CA PHE A 224 30.67 25.40 -2.42
C PHE A 224 31.97 26.28 -2.44
N THR A 225 32.75 26.28 -1.36
CA THR A 225 34.06 26.94 -1.38
C THR A 225 34.92 26.71 -2.63
N ALA A 226 35.14 25.45 -3.03
CA ALA A 226 35.95 25.23 -4.29
C ALA A 226 35.29 25.85 -5.52
N ALA A 227 33.98 25.99 -5.51
CA ALA A 227 33.32 26.69 -6.62
C ALA A 227 33.41 28.22 -6.43
N GLY A 228 34.03 28.66 -5.35
CA GLY A 228 34.20 30.09 -5.13
C GLY A 228 32.97 30.75 -4.55
N LEU A 229 32.09 29.93 -3.96
CA LEU A 229 30.90 30.43 -3.32
C LEU A 229 31.14 30.46 -1.83
N SER A 230 30.65 31.49 -1.16
CA SER A 230 30.57 31.48 0.30
C SER A 230 29.37 30.61 0.60
N VAL A 231 29.29 30.08 1.82
CA VAL A 231 28.38 29.00 2.10
C VAL A 231 27.76 29.11 3.51
N GLU A 232 26.47 28.87 3.56
CA GLU A 232 25.74 28.90 4.79
C GLU A 232 24.85 27.66 4.80
N PHE A 233 24.69 27.04 5.96
CA PHE A 233 23.68 26.01 6.13
C PHE A 233 22.53 26.54 7.01
N MET A 234 21.30 26.21 6.63
CA MET A 234 20.14 26.60 7.40
C MET A 234 19.31 25.35 7.67
N PRO A 235 19.13 24.99 8.97
CA PRO A 235 18.44 23.76 9.34
C PRO A 235 16.96 23.75 8.99
N GLY A 236 16.40 22.57 9.06
CA GLY A 236 14.99 22.35 8.85
C GLY A 236 14.76 22.11 7.39
N GLY A 237 14.49 23.19 6.68
CA GLY A 237 14.36 23.18 5.23
C GLY A 237 13.04 22.60 4.84
N PRO A 238 12.84 22.36 3.55
CA PRO A 238 11.55 21.88 3.16
C PRO A 238 11.32 20.43 3.60
N SER A 239 12.39 19.66 3.77
CA SER A 239 12.29 18.23 4.00
C SER A 239 12.82 17.83 5.37
N GLY A 240 13.13 18.80 6.21
CA GLY A 240 13.85 18.51 7.47
C GLY A 240 15.36 18.31 7.32
N ARG A 241 15.85 18.30 6.09
CA ARG A 241 17.27 18.10 5.81
C ARG A 241 18.03 19.37 5.75
N GLY A 242 17.35 20.51 5.92
CA GLY A 242 18.04 21.76 5.79
C GLY A 242 18.23 22.21 4.33
N LEU A 243 19.15 23.14 4.13
CA LEU A 243 19.21 23.91 2.91
C LEU A 243 20.48 24.73 2.96
N PHE A 244 21.34 24.52 1.97
CA PHE A 244 22.54 25.33 1.73
C PHE A 244 22.25 26.41 0.71
N THR A 245 22.96 27.51 0.86
CA THR A 245 22.98 28.59 -0.13
C THR A 245 24.41 28.93 -0.44
N GLY A 246 24.66 29.47 -1.61
CA GLY A 246 26.01 29.95 -1.92
C GLY A 246 25.97 31.24 -2.70
N LEU A 247 26.82 32.20 -2.34
CA LEU A 247 26.91 33.50 -3.02
C LEU A 247 28.30 33.63 -3.60
N PRO A 248 28.40 33.93 -4.90
CA PRO A 248 29.73 34.02 -5.56
C PRO A 248 30.60 35.18 -5.06
N GLY A 249 31.89 35.11 -5.35
CA GLY A 249 32.84 36.11 -4.89
C GLY A 249 33.35 35.79 -3.50
N ALA A 250 33.90 34.58 -3.32
CA ALA A 250 34.55 34.20 -2.05
C ALA A 250 36.03 33.94 -2.26
N PRO B 10 -0.19 -16.55 -9.03
CA PRO B 10 -0.48 -16.48 -7.60
C PRO B 10 -1.03 -17.80 -7.01
N GLN B 11 -0.91 -17.96 -5.69
CA GLN B 11 -1.56 -19.06 -4.95
C GLN B 11 -3.06 -18.77 -4.74
N ALA B 12 -3.88 -19.83 -4.71
CA ALA B 12 -5.33 -19.72 -4.47
C ALA B 12 -5.73 -20.57 -3.27
N ASP B 13 -4.75 -20.80 -2.39
CA ASP B 13 -4.79 -21.92 -1.47
C ASP B 13 -4.63 -21.51 0.01
N TYR B 14 -4.51 -20.22 0.29
CA TYR B 14 -4.44 -19.70 1.66
C TYR B 14 -3.29 -20.31 2.50
N SER B 15 -2.13 -20.43 1.86
CA SER B 15 -0.98 -21.13 2.42
C SER B 15 0.15 -20.16 2.77
N GLY B 16 1.24 -20.70 3.29
CA GLY B 16 2.41 -19.92 3.68
C GLY B 16 2.18 -18.53 4.26
N GLU B 17 2.53 -17.54 3.47
CA GLU B 17 2.72 -16.20 3.97
C GLU B 17 1.34 -15.57 4.17
N ILE B 18 0.44 -15.80 3.22
CA ILE B 18 -0.91 -15.25 3.32
C ILE B 18 -1.56 -15.70 4.63
N ALA B 19 -1.34 -16.96 5.00
CA ALA B 19 -1.78 -17.48 6.29
C ALA B 19 -1.23 -16.74 7.51
N GLU B 20 0.10 -16.55 7.57
CA GLU B 20 0.75 -15.88 8.72
C GLU B 20 0.17 -14.47 8.96
N LEU B 21 -0.19 -13.84 7.86
CA LEU B 21 -0.55 -12.43 7.80
C LEU B 21 -2.02 -12.19 8.02
N TYR B 22 -2.78 -13.23 7.76
CA TYR B 22 -4.20 -13.11 7.61
C TYR B 22 -4.79 -12.39 8.83
N ASP B 23 -4.27 -12.74 9.99
CA ASP B 23 -4.89 -12.30 11.22
C ASP B 23 -4.59 -10.81 11.42
N LEU B 24 -3.34 -10.44 11.18
CA LEU B 24 -2.91 -9.05 11.31
C LEU B 24 -3.65 -8.19 10.30
N VAL B 25 -3.60 -8.65 9.06
CA VAL B 25 -4.34 -7.99 7.98
C VAL B 25 -5.80 -7.67 8.36
N HIS B 26 -6.47 -8.62 9.01
CA HIS B 26 -7.90 -8.49 9.18
C HIS B 26 -8.28 -7.66 10.44
N GLN B 27 -7.37 -7.64 11.42
CA GLN B 27 -7.39 -6.66 12.51
C GLN B 27 -7.19 -5.29 11.91
N GLY B 28 -6.17 -5.18 11.06
CA GLY B 28 -5.97 -4.01 10.22
C GLY B 28 -7.26 -3.53 9.53
N LYS B 29 -7.96 -4.44 8.84
CA LYS B 29 -9.27 -4.07 8.26
C LYS B 29 -10.35 -3.63 9.22
N GLY B 30 -10.15 -3.86 10.52
CA GLY B 30 -11.16 -3.52 11.50
C GLY B 30 -12.17 -4.64 11.74
N LYS B 31 -11.77 -5.87 11.42
CA LYS B 31 -12.65 -7.02 11.63
C LYS B 31 -12.73 -7.44 13.10
N ASP B 32 -13.92 -7.40 13.66
CA ASP B 32 -14.14 -7.68 15.07
C ASP B 32 -14.78 -9.05 15.20
N TYR B 33 -13.92 -10.05 15.29
CA TYR B 33 -14.35 -11.43 15.51
C TYR B 33 -15.06 -11.62 16.86
N HIS B 34 -14.82 -10.73 17.82
CA HIS B 34 -15.48 -10.84 19.14
C HIS B 34 -16.95 -10.47 19.07
N ARG B 35 -17.25 -9.35 18.45
CA ARG B 35 -18.65 -8.95 18.22
C ARG B 35 -19.32 -9.94 17.23
N GLU B 36 -18.58 -10.40 16.24
CA GLU B 36 -19.18 -11.34 15.30
C GLU B 36 -19.64 -12.62 16.05
N ALA B 37 -18.77 -13.23 16.87
CA ALA B 37 -19.20 -14.33 17.77
C ALA B 37 -20.38 -13.97 18.67
N ALA B 38 -20.31 -12.83 19.34
CA ALA B 38 -21.40 -12.45 20.24
C ALA B 38 -22.73 -12.39 19.51
N ASP B 39 -22.73 -11.92 18.26
CA ASP B 39 -23.94 -11.83 17.48
C ASP B 39 -24.40 -13.23 17.03
N LEU B 40 -23.46 -14.05 16.58
CA LEU B 40 -23.70 -15.44 16.36
C LEU B 40 -24.40 -16.16 17.50
N ALA B 41 -23.73 -16.19 18.65
CA ALA B 41 -24.24 -16.94 19.79
C ALA B 41 -25.67 -16.49 20.10
N ALA B 42 -25.92 -15.17 20.04
CA ALA B 42 -27.27 -14.63 20.31
C ALA B 42 -28.30 -15.13 19.28
N LEU B 43 -27.86 -15.27 18.02
CA LEU B 43 -28.72 -15.76 16.95
C LEU B 43 -28.97 -17.24 17.16
N VAL B 44 -27.89 -17.98 17.38
CA VAL B 44 -27.97 -19.43 17.55
C VAL B 44 -28.95 -19.71 18.67
N ARG B 45 -28.81 -19.01 19.79
CA ARG B 45 -29.68 -19.26 20.93
C ARG B 45 -31.11 -18.74 20.77
N ARG B 46 -31.33 -17.67 20.02
CA ARG B 46 -32.71 -17.20 19.84
C ARG B 46 -33.55 -18.30 19.22
N HIS B 47 -32.91 -18.98 18.27
CA HIS B 47 -33.50 -20.12 17.63
C HIS B 47 -33.50 -21.39 18.50
N SER B 48 -32.40 -21.63 19.23
CA SER B 48 -32.16 -22.92 19.90
C SER B 48 -31.76 -22.65 21.36
N PRO B 49 -32.75 -22.39 22.21
CA PRO B 49 -32.41 -21.68 23.45
C PRO B 49 -31.47 -22.46 24.36
N LYS B 50 -31.39 -23.79 24.11
CA LYS B 50 -30.62 -24.72 24.89
C LYS B 50 -29.41 -25.25 24.11
N ALA B 51 -28.98 -24.49 23.11
CA ALA B 51 -27.79 -24.89 22.34
C ALA B 51 -26.59 -24.89 23.26
N ALA B 52 -25.60 -25.68 22.89
CA ALA B 52 -24.46 -25.90 23.72
C ALA B 52 -23.27 -26.46 22.92
N SER B 53 -23.40 -26.53 21.60
CA SER B 53 -22.44 -27.19 20.73
C SER B 53 -22.41 -26.47 19.35
N LEU B 54 -21.24 -26.36 18.74
CA LEU B 54 -21.09 -25.62 17.46
C LEU B 54 -19.96 -26.09 16.57
N LEU B 55 -20.22 -26.20 15.28
CA LEU B 55 -19.18 -26.51 14.28
C LEU B 55 -19.02 -25.30 13.34
N ASP B 56 -17.79 -24.79 13.19
CA ASP B 56 -17.48 -23.69 12.25
C ASP B 56 -16.74 -24.22 11.03
N VAL B 57 -17.42 -24.20 9.89
CA VAL B 57 -16.91 -24.82 8.70
C VAL B 57 -16.08 -23.78 7.94
N ALA B 58 -15.01 -24.23 7.29
CA ALA B 58 -13.87 -23.37 6.94
C ALA B 58 -13.57 -22.29 8.02
N CYS B 59 -13.02 -22.73 9.14
CA CYS B 59 -12.80 -21.90 10.33
C CYS B 59 -11.55 -21.07 10.18
N GLY B 60 -10.69 -21.41 9.22
CA GLY B 60 -9.60 -20.51 8.83
C GLY B 60 -8.57 -20.51 9.93
N THR B 61 -8.12 -19.34 10.35
CA THR B 61 -7.21 -19.25 11.48
C THR B 61 -7.92 -19.55 12.80
N GLY B 62 -9.24 -19.71 12.77
CA GLY B 62 -9.99 -20.12 13.96
C GLY B 62 -10.27 -18.96 14.90
N MET B 63 -10.30 -17.76 14.37
CA MET B 63 -10.62 -16.60 15.22
C MET B 63 -12.01 -16.65 15.83
N HIS B 64 -13.06 -16.90 15.05
CA HIS B 64 -14.45 -16.99 15.61
C HIS B 64 -14.55 -18.00 16.76
N LEU B 65 -14.03 -19.20 16.50
CA LEU B 65 -14.03 -20.31 17.46
C LEU B 65 -13.46 -19.96 18.82
N ARG B 66 -12.31 -19.30 18.89
CA ARG B 66 -11.79 -18.89 20.19
C ARG B 66 -12.88 -18.14 20.95
N HIS B 67 -13.53 -17.15 20.33
CA HIS B 67 -14.55 -16.41 21.10
C HIS B 67 -15.81 -17.24 21.30
N LEU B 68 -15.98 -18.27 20.47
CA LEU B 68 -17.18 -19.05 20.55
C LEU B 68 -17.09 -20.06 21.71
N ALA B 69 -15.88 -20.50 22.01
CA ALA B 69 -15.59 -21.27 23.22
C ALA B 69 -16.31 -20.65 24.45
N ASP B 70 -16.32 -19.33 24.56
CA ASP B 70 -16.76 -18.72 25.78
C ASP B 70 -18.29 -18.57 25.80
N SER B 71 -18.96 -19.06 24.74
CA SER B 71 -20.43 -19.08 24.69
C SER B 71 -21.08 -20.46 24.61
N PHE B 72 -20.30 -21.47 24.24
CA PHE B 72 -20.84 -22.81 24.06
C PHE B 72 -19.86 -23.80 24.64
N GLY B 73 -20.39 -24.71 25.46
CA GLY B 73 -19.59 -25.77 26.06
C GLY B 73 -18.71 -26.55 25.09
N THR B 74 -19.15 -26.72 23.85
CA THR B 74 -18.44 -27.58 22.90
C THR B 74 -18.35 -26.87 21.54
N VAL B 75 -17.13 -26.65 21.01
CA VAL B 75 -16.97 -26.14 19.66
C VAL B 75 -15.95 -26.95 18.85
N GLU B 76 -16.21 -27.14 17.58
CA GLU B 76 -15.25 -27.78 16.70
C GLU B 76 -15.14 -26.98 15.40
N GLY B 77 -14.19 -27.33 14.55
CA GLY B 77 -13.97 -26.62 13.31
C GLY B 77 -13.60 -27.54 12.20
N LEU B 78 -13.96 -27.18 10.96
CA LEU B 78 -13.43 -27.80 9.72
C LEU B 78 -12.73 -26.73 8.83
N GLU B 79 -11.69 -27.15 8.12
CA GLU B 79 -10.81 -26.26 7.35
C GLU B 79 -9.99 -27.05 6.31
N LEU B 80 -10.05 -26.65 5.05
CA LEU B 80 -9.30 -27.30 3.98
C LEU B 80 -7.80 -27.04 3.98
N SER B 81 -7.39 -25.83 4.34
CA SER B 81 -5.94 -25.44 4.28
C SER B 81 -5.13 -25.84 5.53
N ALA B 82 -4.03 -26.55 5.32
CA ALA B 82 -3.19 -27.05 6.42
C ALA B 82 -2.60 -25.92 7.20
N ASP B 83 -2.03 -24.97 6.45
CA ASP B 83 -1.33 -23.86 7.04
C ASP B 83 -2.31 -22.99 7.84
N MET B 84 -3.59 -22.87 7.42
CA MET B 84 -4.58 -22.12 8.20
C MET B 84 -4.96 -22.93 9.41
N LEU B 85 -5.40 -24.15 9.17
CA LEU B 85 -5.65 -25.16 10.23
C LEU B 85 -4.59 -25.15 11.33
N ALA B 86 -3.34 -25.40 10.96
CA ALA B 86 -2.19 -25.20 11.86
C ALA B 86 -2.30 -23.97 12.81
N ILE B 87 -2.64 -22.81 12.29
CA ILE B 87 -2.73 -21.59 13.15
C ILE B 87 -3.96 -21.61 14.07
N ALA B 88 -5.05 -22.20 13.58
CA ALA B 88 -6.27 -22.37 14.35
C ALA B 88 -6.06 -23.28 15.55
N ARG B 89 -5.44 -24.44 15.31
CA ARG B 89 -5.07 -25.38 16.40
C ARG B 89 -4.27 -24.75 17.52
N ARG B 90 -3.18 -24.06 17.13
CA ARG B 90 -2.45 -23.15 18.03
C ARG B 90 -3.33 -22.21 18.82
N ARG B 91 -4.34 -21.63 18.20
CA ARG B 91 -5.17 -20.67 18.92
C ARG B 91 -6.15 -21.42 19.79
N ASN B 92 -6.46 -22.66 19.37
CA ASN B 92 -7.44 -23.50 20.06
C ASN B 92 -6.83 -24.89 20.46
N PRO B 93 -6.06 -24.90 21.56
CA PRO B 93 -5.45 -26.13 22.04
C PRO B 93 -6.49 -27.15 22.51
N ASP B 94 -7.48 -26.68 23.26
CA ASP B 94 -8.53 -27.55 23.83
C ASP B 94 -9.70 -27.80 22.86
N ALA B 95 -9.46 -27.75 21.55
CA ALA B 95 -10.55 -28.01 20.65
C ALA B 95 -10.14 -29.03 19.61
N VAL B 96 -11.13 -29.76 19.11
CA VAL B 96 -10.90 -30.77 18.08
C VAL B 96 -11.22 -30.14 16.72
N LEU B 97 -10.21 -29.91 15.90
CA LEU B 97 -10.37 -29.26 14.62
C LEU B 97 -9.92 -30.22 13.56
N HIS B 98 -10.71 -30.36 12.49
CA HIS B 98 -10.55 -31.44 11.50
C HIS B 98 -9.96 -30.95 10.18
N HIS B 99 -9.36 -31.85 9.42
CA HIS B 99 -8.75 -31.51 8.12
C HIS B 99 -9.61 -32.11 7.03
N GLY B 100 -9.97 -31.29 6.04
CA GLY B 100 -11.00 -31.67 5.10
C GLY B 100 -11.85 -30.54 4.55
N ASP B 101 -12.96 -30.94 3.95
CA ASP B 101 -13.55 -30.25 2.82
C ASP B 101 -15.05 -30.16 3.03
N MET B 102 -15.60 -28.95 2.96
CA MET B 102 -17.02 -28.76 3.27
C MET B 102 -17.91 -29.52 2.29
N ARG B 103 -17.38 -29.87 1.12
CA ARG B 103 -18.16 -30.59 0.14
C ARG B 103 -18.40 -32.07 0.47
N ASP B 104 -17.44 -32.68 1.16
CA ASP B 104 -17.44 -34.14 1.34
C ASP B 104 -16.69 -34.42 2.62
N PHE B 105 -17.43 -34.53 3.71
CA PHE B 105 -16.81 -34.71 5.00
C PHE B 105 -17.80 -35.36 5.93
N SER B 106 -17.29 -36.00 6.96
CA SER B 106 -18.10 -36.91 7.74
C SER B 106 -17.47 -37.10 9.12
N LEU B 107 -17.90 -36.27 10.07
CA LEU B 107 -17.52 -36.44 11.45
C LEU B 107 -18.48 -37.47 12.02
N GLY B 108 -18.32 -37.83 13.27
CA GLY B 108 -19.27 -38.78 13.87
C GLY B 108 -20.54 -38.19 14.47
N ARG B 109 -20.77 -36.88 14.36
CA ARG B 109 -21.76 -36.25 15.26
C ARG B 109 -22.54 -35.06 14.68
N ARG B 110 -23.26 -34.38 15.55
CA ARG B 110 -24.20 -33.38 15.16
C ARG B 110 -24.02 -32.28 16.15
N PHE B 111 -24.38 -31.03 15.80
CA PHE B 111 -24.07 -29.87 16.65
C PHE B 111 -25.26 -28.96 16.66
N SER B 112 -25.47 -28.21 17.74
CA SER B 112 -26.58 -27.21 17.79
C SER B 112 -26.51 -26.29 16.60
N ALA B 113 -25.33 -25.73 16.31
CA ALA B 113 -25.15 -24.82 15.16
C ALA B 113 -23.98 -25.21 14.28
N VAL B 114 -24.19 -25.12 12.95
CA VAL B 114 -23.11 -25.16 11.94
C VAL B 114 -22.98 -23.78 11.29
N THR B 115 -21.76 -23.24 11.25
CA THR B 115 -21.49 -21.94 10.74
C THR B 115 -20.47 -22.01 9.63
N CYS B 116 -20.62 -21.10 8.68
CA CYS B 116 -19.66 -20.92 7.61
C CYS B 116 -19.59 -19.43 7.29
N MET B 117 -18.52 -18.79 7.78
CA MET B 117 -18.43 -17.37 7.80
C MET B 117 -17.44 -16.76 6.83
N PHE B 118 -17.77 -15.48 6.51
CA PHE B 118 -16.90 -14.55 5.79
C PHE B 118 -16.80 -14.95 4.33
N SER B 119 -17.93 -15.45 3.84
CA SER B 119 -18.13 -15.76 2.44
C SER B 119 -17.28 -16.97 1.97
N SER B 120 -16.82 -17.78 2.93
CA SER B 120 -16.09 -18.98 2.58
C SER B 120 -16.89 -19.77 1.57
N ILE B 121 -18.22 -19.74 1.73
CA ILE B 121 -19.11 -20.46 0.85
C ILE B 121 -18.89 -20.08 -0.62
N GLY B 122 -18.55 -18.82 -0.83
CA GLY B 122 -18.19 -18.35 -2.16
C GLY B 122 -17.17 -19.23 -2.84
N HIS B 123 -16.33 -19.92 -2.08
CA HIS B 123 -15.25 -20.69 -2.67
C HIS B 123 -15.69 -21.97 -3.36
N LEU B 124 -17.01 -22.24 -3.40
CA LEU B 124 -17.56 -23.38 -4.14
C LEU B 124 -17.89 -22.98 -5.56
N ALA B 125 -17.69 -23.92 -6.48
CA ALA B 125 -17.68 -23.61 -7.91
C ALA B 125 -19.02 -23.68 -8.62
N GLY B 126 -20.02 -24.29 -8.03
CA GLY B 126 -21.33 -24.28 -8.66
C GLY B 126 -22.38 -24.87 -7.76
N GLN B 127 -23.61 -24.93 -8.30
CA GLN B 127 -24.81 -25.46 -7.61
C GLN B 127 -24.61 -26.85 -7.05
N ALA B 128 -24.10 -27.76 -7.88
CA ALA B 128 -23.74 -29.08 -7.38
C ALA B 128 -23.02 -28.94 -6.03
N GLU B 129 -21.91 -28.22 -6.05
CA GLU B 129 -21.05 -28.13 -4.87
C GLU B 129 -21.78 -27.41 -3.78
N LEU B 130 -22.38 -26.26 -4.10
CA LEU B 130 -23.20 -25.56 -3.11
C LEU B 130 -24.19 -26.50 -2.38
N ASP B 131 -24.95 -27.27 -3.15
CA ASP B 131 -25.93 -28.21 -2.58
C ASP B 131 -25.23 -29.31 -1.78
N ALA B 132 -24.12 -29.83 -2.34
CA ALA B 132 -23.28 -30.79 -1.65
C ALA B 132 -22.98 -30.33 -0.21
N ALA B 133 -22.56 -29.07 -0.07
CA ALA B 133 -22.10 -28.54 1.20
C ALA B 133 -23.24 -28.28 2.13
N LEU B 134 -24.31 -27.70 1.62
CA LEU B 134 -25.52 -27.55 2.45
C LEU B 134 -26.10 -28.90 2.92
N GLU B 135 -26.03 -29.91 2.06
CA GLU B 135 -26.37 -31.27 2.51
C GLU B 135 -25.49 -31.69 3.71
N ARG B 136 -24.17 -31.50 3.60
CA ARG B 136 -23.30 -31.89 4.71
C ARG B 136 -23.62 -31.09 5.96
N PHE B 137 -23.95 -29.82 5.81
CA PHE B 137 -24.28 -29.00 6.99
C PHE B 137 -25.53 -29.53 7.65
N ALA B 138 -26.54 -29.82 6.85
CA ALA B 138 -27.81 -30.42 7.34
C ALA B 138 -27.56 -31.74 8.08
N ALA B 139 -26.62 -32.53 7.57
CA ALA B 139 -26.24 -33.79 8.22
C ALA B 139 -25.62 -33.54 9.61
N HIS B 140 -24.97 -32.39 9.82
CA HIS B 140 -24.28 -32.18 11.09
C HIS B 140 -25.03 -31.27 12.11
N VAL B 141 -26.28 -30.89 11.81
CA VAL B 141 -27.02 -30.04 12.77
C VAL B 141 -28.12 -30.78 13.52
N LEU B 142 -28.36 -30.39 14.77
CA LEU B 142 -29.50 -30.92 15.53
C LEU B 142 -30.85 -30.30 15.07
N PRO B 143 -31.93 -31.12 15.05
CA PRO B 143 -33.33 -30.78 14.82
C PRO B 143 -33.82 -29.48 15.43
N ASP B 144 -33.39 -29.20 16.62
CA ASP B 144 -33.76 -27.96 17.31
C ASP B 144 -32.74 -26.85 17.00
N GLY B 145 -31.84 -27.10 16.05
CA GLY B 145 -30.72 -26.21 15.77
C GLY B 145 -30.81 -25.41 14.48
N VAL B 146 -29.68 -24.80 14.13
CA VAL B 146 -29.65 -23.81 13.07
C VAL B 146 -28.35 -23.74 12.37
N VAL B 147 -28.45 -23.64 11.05
CA VAL B 147 -27.29 -23.51 10.18
C VAL B 147 -27.22 -22.08 9.73
N VAL B 148 -26.02 -21.53 9.74
CA VAL B 148 -25.79 -20.15 9.40
C VAL B 148 -24.63 -20.01 8.43
N VAL B 149 -24.93 -19.49 7.25
CA VAL B 149 -23.95 -19.19 6.23
C VAL B 149 -23.97 -17.72 5.81
N GLU B 150 -22.81 -17.06 5.89
CA GLU B 150 -22.59 -15.74 5.34
C GLU B 150 -22.25 -15.86 3.86
N PRO B 151 -23.12 -15.33 3.00
CA PRO B 151 -22.83 -15.49 1.62
C PRO B 151 -21.78 -14.51 1.15
N TRP B 152 -21.35 -14.72 -0.10
CA TRP B 152 -20.62 -13.72 -0.88
C TRP B 152 -21.64 -12.80 -1.49
N TRP B 153 -21.18 -11.75 -2.17
CA TRP B 153 -22.13 -10.80 -2.75
C TRP B 153 -22.99 -11.48 -3.81
N PHE B 154 -24.18 -10.92 -4.01
CA PHE B 154 -25.04 -11.42 -5.05
C PHE B 154 -24.56 -10.71 -6.30
N PRO B 155 -24.93 -11.20 -7.49
CA PRO B 155 -24.63 -10.48 -8.73
C PRO B 155 -25.26 -9.08 -8.76
N GLU B 156 -26.52 -8.95 -8.39
CA GLU B 156 -27.11 -7.61 -8.38
C GLU B 156 -26.24 -6.55 -7.62
N ASN B 157 -25.39 -6.97 -6.68
CA ASN B 157 -24.57 -6.04 -5.89
C ASN B 157 -23.08 -6.01 -6.16
N PHE B 158 -22.57 -6.78 -7.13
CA PHE B 158 -21.11 -6.87 -7.32
C PHE B 158 -20.69 -5.62 -8.05
N THR B 159 -19.44 -5.20 -7.83
CA THR B 159 -18.91 -3.95 -8.35
C THR B 159 -17.59 -4.22 -9.06
N PRO B 160 -17.69 -4.62 -10.33
CA PRO B 160 -16.54 -4.79 -11.16
C PRO B 160 -15.68 -3.55 -11.11
N GLY B 161 -14.39 -3.71 -10.89
CA GLY B 161 -13.51 -2.58 -10.83
C GLY B 161 -13.21 -2.09 -9.42
N TYR B 162 -13.76 -2.76 -8.42
CA TYR B 162 -13.53 -2.38 -7.02
C TYR B 162 -12.11 -2.64 -6.52
N VAL B 163 -11.54 -1.56 -5.94
CA VAL B 163 -10.22 -1.49 -5.28
C VAL B 163 -10.32 -1.24 -3.74
N ALA B 164 -9.55 -2.03 -2.99
CA ALA B 164 -9.40 -1.94 -1.55
C ALA B 164 -7.91 -1.87 -1.25
N ALA B 165 -7.52 -0.83 -0.52
CA ALA B 165 -6.14 -0.66 -0.08
C ALA B 165 -6.12 -0.38 1.41
N GLY B 166 -5.28 -1.11 2.12
CA GLY B 166 -5.19 -1.03 3.57
C GLY B 166 -3.78 -1.30 4.03
N THR B 167 -3.31 -0.47 4.99
CA THR B 167 -2.00 -0.68 5.63
C THR B 167 -2.12 -0.86 7.15
N VAL B 168 -1.24 -1.70 7.69
CA VAL B 168 -1.21 -1.93 9.13
C VAL B 168 0.19 -2.31 9.64
N GLU B 169 0.47 -1.87 10.87
CA GLU B 169 1.79 -2.03 11.52
C GLU B 169 1.58 -2.61 12.92
N ALA B 170 2.24 -3.73 13.20
CA ALA B 170 2.28 -4.29 14.54
C ALA B 170 3.63 -4.96 14.84
N GLY B 171 4.30 -4.43 15.85
CA GLY B 171 5.56 -4.98 16.35
C GLY B 171 6.71 -5.02 15.34
N GLY B 172 6.83 -3.97 14.52
CA GLY B 172 7.93 -3.90 13.55
C GLY B 172 7.69 -4.61 12.22
N THR B 173 6.54 -5.25 12.07
CA THR B 173 6.11 -5.71 10.74
C THR B 173 5.06 -4.73 10.20
N THR B 174 5.32 -4.25 8.98
CA THR B 174 4.34 -3.41 8.28
C THR B 174 3.85 -4.17 7.06
N VAL B 175 2.53 -4.24 6.94
CA VAL B 175 1.87 -4.95 5.85
C VAL B 175 0.83 -4.08 5.18
N THR B 176 0.98 -4.01 3.85
CA THR B 176 0.04 -3.31 2.97
C THR B 176 -0.57 -4.32 1.98
N ARG B 177 -1.85 -4.13 1.74
CA ARG B 177 -2.69 -5.00 0.96
C ARG B 177 -3.52 -4.14 0.05
N VAL B 178 -3.46 -4.51 -1.21
CA VAL B 178 -4.29 -3.94 -2.21
C VAL B 178 -5.02 -5.04 -2.99
N SER B 179 -6.33 -4.90 -3.15
CA SER B 179 -7.08 -5.82 -3.99
C SER B 179 -7.82 -5.13 -5.09
N HIS B 180 -7.94 -5.86 -6.18
CA HIS B 180 -8.73 -5.47 -7.32
C HIS B 180 -9.65 -6.60 -7.72
N SER B 181 -10.89 -6.27 -8.07
CA SER B 181 -11.86 -7.27 -8.47
C SER B 181 -12.53 -6.99 -9.81
N SER B 182 -12.85 -8.06 -10.53
CA SER B 182 -13.49 -8.02 -11.84
C SER B 182 -14.50 -9.16 -11.95
N ARG B 183 -15.34 -9.12 -12.99
CA ARG B 183 -16.28 -10.18 -13.25
C ARG B 183 -15.52 -11.27 -14.05
N GLU B 184 -15.77 -12.53 -13.72
CA GLU B 184 -15.22 -13.64 -14.53
C GLU B 184 -16.20 -14.81 -14.66
N GLY B 185 -17.18 -14.65 -15.53
CA GLY B 185 -18.21 -15.65 -15.69
C GLY B 185 -19.22 -15.49 -14.59
N GLU B 186 -19.44 -16.56 -13.86
CA GLU B 186 -20.31 -16.50 -12.71
C GLU B 186 -19.56 -16.10 -11.44
N ALA B 187 -18.32 -15.66 -11.58
CA ALA B 187 -17.48 -15.42 -10.43
C ALA B 187 -16.93 -14.02 -10.34
N THR B 188 -16.53 -13.66 -9.12
CA THR B 188 -15.63 -12.56 -8.91
C THR B 188 -14.21 -13.05 -9.10
N ARG B 189 -13.45 -12.34 -9.90
CA ARG B 189 -12.00 -12.51 -9.95
C ARG B 189 -11.36 -11.39 -9.05
N ILE B 190 -10.81 -11.82 -7.91
CA ILE B 190 -10.23 -10.96 -6.87
C ILE B 190 -8.71 -11.16 -6.83
N GLU B 191 -7.96 -10.11 -7.16
CA GLU B 191 -6.50 -10.24 -7.28
C GLU B 191 -5.88 -9.35 -6.21
N VAL B 192 -5.05 -9.93 -5.35
CA VAL B 192 -4.64 -9.26 -4.09
C VAL B 192 -3.15 -9.27 -3.93
N HIS B 193 -2.56 -8.11 -3.67
CA HIS B 193 -1.11 -8.00 -3.53
C HIS B 193 -0.76 -7.47 -2.17
N TYR B 194 0.41 -7.91 -1.71
CA TYR B 194 0.93 -7.50 -0.43
C TYR B 194 2.36 -7.03 -0.58
N LEU B 195 2.68 -5.96 0.13
CA LEU B 195 4.04 -5.59 0.37
C LEU B 195 4.25 -5.76 1.84
N VAL B 196 5.21 -6.61 2.22
CA VAL B 196 5.61 -6.74 3.61
C VAL B 196 7.03 -6.24 3.88
N ALA B 197 7.17 -5.51 4.96
CA ALA B 197 8.38 -4.75 5.21
C ALA B 197 8.71 -4.65 6.66
N GLY B 198 10.02 -4.48 6.90
CA GLY B 198 10.58 -4.40 8.23
C GLY B 198 12.02 -3.92 8.19
N PRO B 199 12.49 -3.34 9.31
CA PRO B 199 13.86 -2.80 9.46
C PRO B 199 15.00 -3.73 9.04
N ASP B 200 14.93 -5.00 9.44
CA ASP B 200 15.99 -5.93 9.06
C ASP B 200 15.58 -6.72 7.85
N ARG B 201 14.31 -7.06 7.77
CA ARG B 201 13.83 -7.95 6.76
C ARG B 201 13.72 -7.29 5.38
N GLY B 202 13.81 -5.96 5.29
CA GLY B 202 13.61 -5.29 4.00
C GLY B 202 12.16 -5.37 3.54
N ILE B 203 11.95 -5.36 2.23
CA ILE B 203 10.60 -5.46 1.67
C ILE B 203 10.43 -6.73 0.85
N THR B 204 9.38 -7.52 1.11
CA THR B 204 8.95 -8.57 0.14
C THR B 204 7.51 -8.41 -0.36
N HIS B 205 7.27 -8.96 -1.54
CA HIS B 205 6.06 -8.80 -2.29
C HIS B 205 5.34 -10.14 -2.46
N HIS B 206 4.06 -10.19 -2.10
CA HIS B 206 3.26 -11.43 -2.22
C HIS B 206 1.98 -11.17 -2.96
N GLU B 207 1.38 -12.24 -3.45
CA GLU B 207 0.12 -12.10 -4.18
C GLU B 207 -0.73 -13.36 -4.16
N GLU B 208 -2.01 -13.18 -4.46
CA GLU B 208 -2.98 -14.26 -4.50
C GLU B 208 -4.08 -13.84 -5.48
N SER B 209 -4.80 -14.82 -6.00
CA SER B 209 -5.90 -14.59 -6.89
C SER B 209 -6.92 -15.68 -6.61
N HIS B 210 -8.18 -15.30 -6.47
CA HIS B 210 -9.23 -16.26 -6.28
C HIS B 210 -10.38 -16.00 -7.22
N ARG B 211 -11.20 -17.05 -7.36
CA ARG B 211 -12.48 -16.97 -8.03
C ARG B 211 -13.49 -17.13 -6.91
N ILE B 212 -14.37 -16.18 -6.74
CA ILE B 212 -15.36 -16.34 -5.71
C ILE B 212 -16.70 -16.29 -6.39
N THR B 213 -17.46 -17.39 -6.25
CA THR B 213 -18.66 -17.58 -7.04
C THR B 213 -19.76 -16.63 -6.61
N LEU B 214 -20.28 -15.90 -7.59
CA LEU B 214 -21.38 -14.97 -7.42
C LEU B 214 -22.71 -15.69 -7.55
N PHE B 215 -23.14 -16.30 -6.44
CA PHE B 215 -24.35 -17.06 -6.38
C PHE B 215 -25.50 -16.09 -6.15
N THR B 216 -26.65 -16.39 -6.74
CA THR B 216 -27.76 -15.57 -6.60
C THR B 216 -28.39 -16.04 -5.34
N ARG B 217 -29.14 -15.15 -4.76
CA ARG B 217 -29.88 -15.44 -3.60
C ARG B 217 -30.67 -16.71 -3.81
N GLU B 218 -31.29 -16.88 -4.97
CA GLU B 218 -32.19 -17.99 -5.13
C GLU B 218 -31.39 -19.29 -5.18
N GLN B 219 -30.10 -19.22 -5.57
CA GLN B 219 -29.25 -20.42 -5.61
C GLN B 219 -28.92 -20.89 -4.20
N TYR B 220 -28.55 -19.97 -3.32
CA TYR B 220 -28.37 -20.30 -1.90
C TYR B 220 -29.68 -20.98 -1.43
N GLU B 221 -30.78 -20.21 -1.44
CA GLU B 221 -32.09 -20.72 -1.07
C GLU B 221 -32.38 -22.13 -1.58
N ARG B 222 -32.29 -22.37 -2.89
CA ARG B 222 -32.39 -23.75 -3.43
C ARG B 222 -31.55 -24.77 -2.66
N ALA B 223 -30.29 -24.44 -2.38
CA ALA B 223 -29.39 -25.39 -1.70
C ALA B 223 -29.83 -25.77 -0.29
N PHE B 224 -30.25 -24.76 0.49
CA PHE B 224 -30.82 -24.98 1.81
C PHE B 224 -32.06 -25.85 1.71
N THR B 225 -32.97 -25.43 0.84
CA THR B 225 -34.22 -26.11 0.62
C THR B 225 -33.91 -27.54 0.20
N ALA B 226 -32.99 -27.75 -0.73
CA ALA B 226 -32.74 -29.12 -1.19
C ALA B 226 -32.30 -30.01 -0.02
N ALA B 227 -31.71 -29.42 1.00
CA ALA B 227 -31.17 -30.15 2.15
C ALA B 227 -32.08 -30.18 3.35
N GLY B 228 -33.37 -29.92 3.15
CA GLY B 228 -34.37 -30.03 4.21
C GLY B 228 -34.44 -28.85 5.15
N LEU B 229 -33.77 -27.77 4.78
CA LEU B 229 -33.62 -26.63 5.67
C LEU B 229 -34.51 -25.55 5.19
N SER B 230 -35.35 -25.03 6.08
CA SER B 230 -36.17 -23.89 5.75
C SER B 230 -35.31 -22.64 5.92
N VAL B 231 -35.13 -21.89 4.85
CA VAL B 231 -34.13 -20.82 4.80
C VAL B 231 -34.72 -19.41 5.01
N GLU B 232 -33.92 -18.51 5.55
CA GLU B 232 -34.31 -17.12 5.64
C GLU B 232 -33.04 -16.30 5.44
N PHE B 233 -33.13 -15.24 4.64
CA PHE B 233 -32.01 -14.28 4.49
C PHE B 233 -32.20 -13.06 5.36
N MET B 234 -31.11 -12.70 6.06
CA MET B 234 -31.08 -11.54 6.94
C MET B 234 -30.04 -10.53 6.45
N PRO B 235 -30.54 -9.37 5.99
CA PRO B 235 -29.80 -8.24 5.46
C PRO B 235 -28.69 -7.79 6.36
N GLY B 236 -27.69 -7.11 5.81
CA GLY B 236 -26.64 -6.51 6.63
C GLY B 236 -25.57 -7.52 6.98
N GLY B 237 -25.65 -8.05 8.19
CA GLY B 237 -24.76 -9.11 8.62
C GLY B 237 -23.38 -8.59 8.90
N PRO B 238 -22.43 -9.51 9.11
CA PRO B 238 -21.10 -9.06 9.51
C PRO B 238 -20.36 -8.24 8.48
N SER B 239 -20.77 -8.22 7.22
CA SER B 239 -19.93 -7.56 6.19
C SER B 239 -20.70 -6.88 5.08
N GLY B 240 -21.99 -6.74 5.26
CA GLY B 240 -22.80 -6.05 4.27
C GLY B 240 -23.57 -7.02 3.44
N ARG B 241 -23.25 -8.29 3.61
CA ARG B 241 -23.61 -9.31 2.64
C ARG B 241 -24.75 -10.14 3.14
N GLY B 242 -25.22 -9.82 4.34
CA GLY B 242 -26.33 -10.52 4.89
C GLY B 242 -25.91 -11.87 5.45
N LEU B 243 -26.91 -12.63 5.88
CA LEU B 243 -26.70 -13.84 6.61
C LEU B 243 -27.91 -14.71 6.34
N PHE B 244 -27.64 -15.94 5.91
CA PHE B 244 -28.62 -16.94 5.61
C PHE B 244 -28.73 -17.89 6.79
N THR B 245 -29.94 -18.10 7.33
CA THR B 245 -30.17 -19.10 8.39
C THR B 245 -31.09 -20.22 7.96
N GLY B 246 -30.70 -21.46 8.27
CA GLY B 246 -31.49 -22.67 7.97
C GLY B 246 -31.88 -23.48 9.20
N LEU B 247 -33.14 -23.93 9.29
CA LEU B 247 -33.60 -24.76 10.42
C LEU B 247 -34.25 -26.05 9.91
N PRO B 248 -33.83 -27.24 10.41
CA PRO B 248 -34.39 -28.50 9.90
C PRO B 248 -35.89 -28.57 10.10
N GLY B 249 -36.56 -29.28 9.20
CA GLY B 249 -38.03 -29.33 9.14
C GLY B 249 -38.53 -29.00 7.74
#